data_7LM3
#
_entry.id   7LM3
#
_cell.length_a   89.531
_cell.length_b   121.338
_cell.length_c   57.145
_cell.angle_alpha   90.000
_cell.angle_beta   129.581
_cell.angle_gamma   90.000
#
_symmetry.space_group_name_H-M   'C 1 2 1'
#
loop_
_entity.id
_entity.type
_entity.pdbx_description
1 polymer 'AMSH-like protease sst2'
2 non-polymer 'ZINC ION'
3 non-polymer 'PHOSPHATE ION'
#
_entity_poly.entity_id   1
_entity_poly.type   'polypeptide(L)'
_entity_poly.pdbx_seq_one_letter_code
;GPLGSMAGTFKIHAYTEGGKPLRTIYLPKLLKKVFLDVVKPNTKKNLETCGILCGKLRQNAFFITHLVIPLQEATSDACG
TTDEASLFEFQDKHNLLTLGWIHTHPTQTCFMSSVDLHTHCSYQLMLPEAIAIVMAPSKNTSGIFRLLDPEGLQTIVKCR
KPGLFHPHEGKVYTMVAQPGHVREINSKLQVVDLRVK
;
_entity_poly.pdbx_strand_id   A,B
#
loop_
_chem_comp.id
_chem_comp.type
_chem_comp.name
_chem_comp.formula
PO4 non-polymer 'PHOSPHATE ION' 'O4 P -3'
ZN non-polymer 'ZINC ION' 'Zn 2'
#
# COMPACT_ATOMS: atom_id res chain seq x y z
N LYS A 11 10.00 6.58 -41.99
CA LYS A 11 10.85 5.57 -41.33
C LYS A 11 11.61 6.15 -40.13
N ILE A 12 11.37 5.57 -38.94
CA ILE A 12 11.95 6.05 -37.69
C ILE A 12 12.96 5.04 -37.17
N HIS A 13 14.10 5.52 -36.65
CA HIS A 13 15.04 4.71 -35.87
C HIS A 13 15.25 5.36 -34.52
N ALA A 14 14.83 4.72 -33.44
CA ALA A 14 15.08 5.30 -32.13
C ALA A 14 16.21 4.59 -31.39
N TYR A 15 16.87 5.34 -30.51
CA TYR A 15 18.03 4.82 -29.80
C TYR A 15 17.88 5.13 -28.31
N THR A 16 18.59 4.35 -27.49
CA THR A 16 18.57 4.54 -26.05
C THR A 16 19.62 5.58 -25.63
N GLU A 17 19.55 5.99 -24.35
CA GLU A 17 20.53 6.93 -23.82
C GLU A 17 21.97 6.49 -24.09
N GLY A 18 22.22 5.18 -24.02
CA GLY A 18 23.54 4.64 -24.26
C GLY A 18 23.82 4.15 -25.67
N GLY A 19 22.87 4.33 -26.59
CA GLY A 19 23.09 4.04 -27.99
C GLY A 19 22.50 2.75 -28.50
N LYS A 20 21.88 1.93 -27.65
CA LYS A 20 21.26 0.71 -28.15
C LYS A 20 20.07 1.06 -29.03
N PRO A 21 19.90 0.39 -30.15
CA PRO A 21 18.75 0.66 -31.02
C PRO A 21 17.47 0.05 -30.48
N LEU A 22 16.36 0.77 -30.68
CA LEU A 22 15.06 0.40 -30.13
C LEU A 22 14.11 -0.02 -31.26
N ARG A 23 13.68 -1.28 -31.23
CA ARG A 23 12.70 -1.76 -32.20
C ARG A 23 11.34 -1.14 -31.94
N THR A 24 10.59 -0.94 -33.01
CA THR A 24 9.31 -0.25 -32.87
C THR A 24 8.30 -1.12 -32.12
N ILE A 25 7.41 -0.47 -31.37
CA ILE A 25 6.25 -1.15 -30.79
C ILE A 25 5.00 -0.53 -31.39
N TYR A 26 4.15 -1.37 -31.97
CA TYR A 26 2.92 -0.90 -32.58
C TYR A 26 1.80 -1.00 -31.55
N LEU A 27 1.19 0.13 -31.24
CA LEU A 27 0.21 0.19 -30.17
C LEU A 27 -1.16 0.56 -30.72
N PRO A 28 -2.18 -0.25 -30.44
CA PRO A 28 -3.52 0.06 -30.94
C PRO A 28 -4.06 1.35 -30.35
N LYS A 29 -4.48 2.27 -31.22
CA LYS A 29 -5.11 3.51 -30.79
C LYS A 29 -6.28 3.29 -29.84
N LEU A 30 -7.05 2.21 -30.04
CA LEU A 30 -8.18 1.93 -29.16
C LEU A 30 -7.75 1.50 -27.75
N LEU A 31 -6.51 1.04 -27.57
CA LEU A 31 -6.17 0.32 -26.35
C LEU A 31 -6.44 1.15 -25.12
N LYS A 32 -6.00 2.40 -25.13
CA LYS A 32 -6.03 3.19 -23.91
C LYS A 32 -7.45 3.33 -23.37
N LYS A 33 -8.39 3.78 -24.22
CA LYS A 33 -9.77 3.96 -23.78
C LYS A 33 -10.43 2.62 -23.46
N VAL A 34 -10.16 1.57 -24.26
CA VAL A 34 -10.67 0.23 -23.94
C VAL A 34 -10.24 -0.21 -22.55
N PHE A 35 -8.96 -0.02 -22.22
CA PHE A 35 -8.49 -0.40 -20.89
C PHE A 35 -9.18 0.43 -19.82
N LEU A 36 -9.27 1.74 -20.04
CA LEU A 36 -9.94 2.61 -19.09
C LEU A 36 -11.38 2.19 -18.89
N ASP A 37 -12.03 1.71 -19.96
CA ASP A 37 -13.41 1.19 -19.86
C ASP A 37 -13.47 -0.06 -19.01
N VAL A 38 -12.56 -1.01 -19.26
CA VAL A 38 -12.57 -2.32 -18.61
C VAL A 38 -12.35 -2.19 -17.11
N VAL A 39 -11.49 -1.26 -16.72
CA VAL A 39 -11.20 -1.00 -15.32
C VAL A 39 -12.00 0.17 -14.76
N LYS A 40 -13.04 0.63 -15.46
CA LYS A 40 -13.88 1.70 -14.90
C LYS A 40 -14.43 1.32 -13.53
N PRO A 41 -14.99 0.10 -13.30
CA PRO A 41 -15.28 -0.35 -11.94
C PRO A 41 -14.26 -0.07 -10.85
N ASN A 42 -12.97 0.02 -11.15
CA ASN A 42 -12.00 0.37 -10.12
C ASN A 42 -11.73 1.85 -10.03
N THR A 43 -11.77 2.55 -11.16
CA THR A 43 -11.48 3.96 -11.12
C THR A 43 -12.65 4.75 -10.54
N LYS A 44 -13.90 4.40 -10.92
CA LYS A 44 -15.05 5.00 -10.23
C LYS A 44 -15.06 4.64 -8.76
N LYS A 45 -14.49 3.49 -8.40
CA LYS A 45 -14.26 3.11 -7.01
C LYS A 45 -12.90 3.58 -6.50
N ASN A 46 -12.22 4.42 -7.28
CA ASN A 46 -10.93 5.04 -6.91
C ASN A 46 -9.92 3.97 -6.49
N LEU A 47 -9.59 3.11 -7.46
CA LEU A 47 -8.67 2.01 -7.25
C LEU A 47 -7.77 1.85 -8.46
N GLU A 48 -6.54 1.41 -8.20
CA GLU A 48 -5.57 1.24 -9.26
C GLU A 48 -5.80 -0.09 -9.95
N THR A 49 -5.74 -0.08 -11.28
CA THR A 49 -5.95 -1.28 -12.06
C THR A 49 -4.84 -1.38 -13.08
N CYS A 50 -4.14 -2.52 -13.11
CA CYS A 50 -3.09 -2.71 -14.10
C CYS A 50 -3.50 -3.78 -15.10
N GLY A 51 -2.86 -3.72 -16.27
CA GLY A 51 -3.10 -4.67 -17.35
C GLY A 51 -1.83 -4.82 -18.17
N ILE A 52 -1.62 -6.02 -18.71
CA ILE A 52 -0.37 -6.37 -19.35
C ILE A 52 -0.50 -6.23 -20.86
N LEU A 53 0.54 -5.68 -21.50
CA LEU A 53 0.59 -5.46 -22.96
C LEU A 53 1.34 -6.62 -23.60
N CYS A 54 0.62 -7.45 -24.33
CA CYS A 54 1.18 -8.64 -24.97
C CYS A 54 1.09 -8.52 -26.48
N GLY A 55 1.76 -9.43 -27.18
CA GLY A 55 1.77 -9.38 -28.63
C GLY A 55 2.94 -10.17 -29.21
N LYS A 56 3.18 -9.92 -30.50
CA LYS A 56 4.05 -10.77 -31.30
C LYS A 56 5.23 -9.96 -31.84
N LEU A 57 6.34 -10.66 -32.04
CA LEU A 57 7.45 -10.19 -32.85
C LEU A 57 7.24 -10.65 -34.29
N ARG A 58 7.02 -9.70 -35.20
CA ARG A 58 6.76 -9.97 -36.61
C ARG A 58 7.62 -9.00 -37.43
N GLN A 59 8.59 -9.55 -38.16
CA GLN A 59 9.46 -8.78 -39.06
C GLN A 59 10.15 -7.62 -38.33
N ASN A 60 10.87 -7.96 -37.25
CA ASN A 60 11.69 -7.09 -36.40
C ASN A 60 10.91 -6.03 -35.61
N ALA A 61 9.59 -5.99 -35.69
CA ALA A 61 8.82 -5.09 -34.83
C ALA A 61 7.91 -5.89 -33.91
N PHE A 62 7.49 -5.24 -32.83
CA PHE A 62 6.53 -5.79 -31.90
C PHE A 62 5.16 -5.16 -32.18
N PHE A 63 4.14 -5.99 -32.26
CA PHE A 63 2.76 -5.54 -32.38
C PHE A 63 2.03 -5.93 -31.10
N ILE A 64 1.45 -4.95 -30.41
CA ILE A 64 0.63 -5.25 -29.24
C ILE A 64 -0.71 -5.78 -29.73
N THR A 65 -1.01 -7.03 -29.40
CA THR A 65 -2.25 -7.67 -29.83
C THR A 65 -3.23 -7.95 -28.71
N HIS A 66 -2.76 -8.07 -27.46
CA HIS A 66 -3.64 -8.43 -26.35
C HIS A 66 -3.37 -7.55 -25.16
N LEU A 67 -4.43 -7.02 -24.58
CA LEU A 67 -4.39 -6.37 -23.27
C LEU A 67 -4.86 -7.43 -22.28
N VAL A 68 -3.92 -7.99 -21.52
CA VAL A 68 -4.24 -9.03 -20.54
C VAL A 68 -4.38 -8.38 -19.17
N ILE A 69 -5.55 -8.56 -18.57
CA ILE A 69 -5.84 -8.02 -17.23
C ILE A 69 -5.61 -9.13 -16.21
N PRO A 70 -4.54 -9.08 -15.43
CA PRO A 70 -4.25 -10.19 -14.53
C PRO A 70 -5.09 -10.13 -13.26
N LEU A 71 -5.16 -11.28 -12.60
CA LEU A 71 -5.64 -11.30 -11.22
C LEU A 71 -4.71 -10.45 -10.36
N GLN A 72 -5.28 -9.51 -9.62
CA GLN A 72 -4.47 -8.46 -9.02
C GLN A 72 -5.10 -7.97 -7.71
N GLU A 73 -4.33 -7.16 -6.98
CA GLU A 73 -4.75 -6.57 -5.71
C GLU A 73 -4.59 -5.06 -5.83
N ALA A 74 -5.71 -4.35 -5.96
CA ALA A 74 -5.68 -2.92 -6.27
C ALA A 74 -5.87 -2.06 -5.02
N THR A 75 -5.02 -1.05 -4.90
CA THR A 75 -5.01 -0.04 -3.82
C THR A 75 -5.13 1.34 -4.46
N SER A 76 -5.32 2.36 -3.63
CA SER A 76 -5.24 3.71 -4.15
C SER A 76 -3.88 4.08 -4.73
N ASP A 77 -2.82 3.30 -4.48
CA ASP A 77 -1.47 3.74 -4.82
C ASP A 77 -0.59 2.74 -5.58
N ALA A 78 -0.90 1.44 -5.61
CA ALA A 78 -0.17 0.47 -6.42
C ALA A 78 -1.12 -0.69 -6.78
N CYS A 79 -0.64 -1.64 -7.59
CA CYS A 79 -1.54 -2.74 -7.96
C CYS A 79 -0.88 -3.98 -8.58
N GLY A 80 -0.07 -4.69 -7.82
CA GLY A 80 0.66 -5.82 -8.38
C GLY A 80 -0.24 -6.95 -8.83
N THR A 81 0.33 -7.83 -9.64
CA THR A 81 -0.31 -9.08 -10.02
C THR A 81 -0.24 -10.06 -8.87
N THR A 82 -1.29 -10.86 -8.72
CA THR A 82 -1.36 -11.83 -7.62
C THR A 82 -1.50 -13.28 -8.08
N ASP A 83 -1.54 -13.56 -9.41
CA ASP A 83 -1.35 -14.93 -9.94
C ASP A 83 -0.50 -14.82 -11.21
N GLU A 84 0.82 -14.75 -11.02
CA GLU A 84 1.73 -14.69 -12.14
C GLU A 84 1.68 -15.96 -12.99
N ALA A 85 1.18 -17.06 -12.42
CA ALA A 85 1.16 -18.37 -13.09
C ALA A 85 0.05 -18.48 -14.13
N SER A 86 -1.14 -17.97 -13.82
CA SER A 86 -2.23 -17.99 -14.79
C SER A 86 -1.88 -17.15 -16.02
N LEU A 87 -1.17 -16.04 -15.79
CA LEU A 87 -0.75 -15.19 -16.88
C LEU A 87 0.30 -15.88 -17.74
N PHE A 88 1.28 -16.54 -17.11
CA PHE A 88 2.32 -17.24 -17.87
C PHE A 88 1.73 -18.39 -18.69
N GLU A 89 0.86 -19.19 -18.07
CA GLU A 89 0.14 -20.21 -18.82
C GLU A 89 -0.52 -19.58 -20.05
N PHE A 90 -1.26 -18.50 -19.82
CA PHE A 90 -1.97 -17.86 -20.92
C PHE A 90 -0.99 -17.39 -21.99
N GLN A 91 0.08 -16.72 -21.58
CA GLN A 91 1.02 -16.23 -22.58
C GLN A 91 1.74 -17.37 -23.28
N ASP A 92 2.10 -18.42 -22.54
CA ASP A 92 2.75 -19.55 -23.18
C ASP A 92 1.81 -20.21 -24.17
N LYS A 93 0.54 -20.31 -23.80
CA LYS A 93 -0.40 -21.02 -24.66
C LYS A 93 -0.52 -20.34 -26.00
N HIS A 94 -0.52 -19.00 -26.02
CA HIS A 94 -0.83 -18.23 -27.21
C HIS A 94 0.40 -17.53 -27.78
N ASN A 95 1.60 -17.93 -27.32
CA ASN A 95 2.87 -17.48 -27.86
C ASN A 95 3.01 -15.96 -27.82
N LEU A 96 2.71 -15.39 -26.66
CA LEU A 96 2.58 -13.95 -26.51
C LEU A 96 3.71 -13.47 -25.62
N LEU A 97 4.52 -12.55 -26.14
CA LEU A 97 5.55 -11.88 -25.35
C LEU A 97 4.96 -10.70 -24.59
N THR A 98 5.59 -10.38 -23.44
CA THR A 98 5.28 -9.14 -22.71
C THR A 98 6.01 -7.96 -23.36
N LEU A 99 5.25 -6.95 -23.77
CA LEU A 99 5.83 -5.73 -24.35
C LEU A 99 5.76 -4.53 -23.42
N GLY A 100 5.11 -4.66 -22.27
CA GLY A 100 4.96 -3.60 -21.30
C GLY A 100 3.67 -3.82 -20.54
N TRP A 101 3.13 -2.72 -20.01
CA TRP A 101 1.96 -2.75 -19.13
C TRP A 101 1.37 -1.35 -19.02
N ILE A 102 0.12 -1.29 -18.57
CA ILE A 102 -0.61 -0.03 -18.43
C ILE A 102 -1.39 -0.08 -17.12
N HIS A 103 -1.50 1.05 -16.42
CA HIS A 103 -2.35 1.07 -15.22
C HIS A 103 -2.95 2.47 -15.01
N THR A 104 -3.95 2.52 -14.15
CA THR A 104 -4.67 3.77 -13.85
C THR A 104 -4.14 4.42 -12.57
N HIS A 105 -4.03 5.77 -12.60
CA HIS A 105 -3.96 6.64 -11.42
C HIS A 105 -5.31 7.28 -11.29
N PRO A 106 -6.20 6.79 -10.43
CA PRO A 106 -7.59 7.30 -10.44
C PRO A 106 -7.71 8.81 -10.20
N THR A 107 -7.15 9.32 -9.11
CA THR A 107 -7.17 10.74 -8.79
C THR A 107 -5.84 11.44 -9.06
N GLN A 108 -4.72 10.77 -8.79
CA GLN A 108 -3.37 11.32 -8.90
C GLN A 108 -3.06 11.85 -10.30
N THR A 109 -1.87 12.43 -10.44
CA THR A 109 -1.44 13.02 -11.70
C THR A 109 -0.79 11.97 -12.60
N CYS A 110 -0.36 12.41 -13.78
CA CYS A 110 0.29 11.54 -14.75
C CYS A 110 1.80 11.63 -14.55
N PHE A 111 2.41 10.54 -14.11
CA PHE A 111 3.80 10.50 -13.67
C PHE A 111 4.10 9.06 -13.25
N MET A 112 5.39 8.74 -13.11
CA MET A 112 5.84 7.40 -12.71
C MET A 112 6.21 7.40 -11.22
N SER A 113 5.35 6.84 -10.40
CA SER A 113 5.56 6.79 -8.96
C SER A 113 6.83 6.02 -8.61
N SER A 114 7.18 5.99 -7.32
CA SER A 114 8.38 5.26 -6.92
C SER A 114 8.21 3.77 -7.16
N VAL A 115 7.11 3.18 -6.68
CA VAL A 115 6.87 1.77 -6.99
C VAL A 115 6.76 1.55 -8.51
N ASP A 116 6.25 2.53 -9.24
CA ASP A 116 6.10 2.34 -10.68
C ASP A 116 7.44 2.16 -11.37
N LEU A 117 8.52 2.70 -10.80
CA LEU A 117 9.82 2.62 -11.47
C LEU A 117 10.51 1.29 -11.15
N HIS A 118 10.34 0.80 -9.93
CA HIS A 118 10.85 -0.52 -9.57
C HIS A 118 10.12 -1.62 -10.33
N THR A 119 8.80 -1.47 -10.50
CA THR A 119 8.04 -2.42 -11.30
C THR A 119 8.52 -2.42 -12.74
N HIS A 120 8.51 -1.25 -13.39
CA HIS A 120 8.95 -1.19 -14.78
C HIS A 120 10.39 -1.66 -14.94
N CYS A 121 11.22 -1.49 -13.91
CA CYS A 121 12.62 -1.83 -14.08
C CYS A 121 12.80 -3.28 -14.52
N SER A 122 12.08 -4.20 -13.89
CA SER A 122 12.23 -5.61 -14.26
C SER A 122 11.55 -5.92 -15.59
N TYR A 123 10.62 -5.06 -16.03
CA TYR A 123 10.11 -5.13 -17.40
C TYR A 123 11.20 -4.80 -18.41
N GLN A 124 11.71 -3.56 -18.37
CA GLN A 124 12.74 -3.09 -19.31
C GLN A 124 14.04 -3.89 -19.23
N LEU A 125 14.28 -4.62 -18.14
CA LEU A 125 15.45 -5.49 -18.08
C LEU A 125 15.26 -6.73 -18.97
N MET A 126 14.09 -7.37 -18.89
CA MET A 126 13.78 -8.47 -19.80
C MET A 126 13.79 -8.01 -21.27
N LEU A 127 13.33 -6.79 -21.54
CA LEU A 127 13.00 -6.35 -22.89
C LEU A 127 13.29 -4.86 -22.98
N PRO A 128 14.39 -4.46 -23.62
CA PRO A 128 14.79 -3.04 -23.59
C PRO A 128 13.71 -2.11 -24.09
N GLU A 129 12.90 -2.55 -25.04
CA GLU A 129 11.86 -1.72 -25.64
C GLU A 129 10.64 -1.56 -24.76
N ALA A 130 10.57 -2.25 -23.62
CA ALA A 130 9.36 -2.29 -22.82
C ALA A 130 8.89 -0.89 -22.39
N ILE A 131 7.56 -0.70 -22.35
CA ILE A 131 6.95 0.58 -22.01
C ILE A 131 5.94 0.45 -20.86
N ALA A 132 5.81 1.55 -20.12
CA ALA A 132 4.82 1.67 -19.06
C ALA A 132 3.85 2.76 -19.45
N ILE A 133 2.57 2.40 -19.61
CA ILE A 133 1.53 3.37 -19.92
C ILE A 133 0.79 3.71 -18.63
N VAL A 134 0.48 5.00 -18.46
CA VAL A 134 -0.07 5.55 -17.21
C VAL A 134 -1.31 6.38 -17.55
N MET A 135 -2.47 5.97 -17.03
CA MET A 135 -3.74 6.68 -17.17
C MET A 135 -3.99 7.55 -15.93
N ALA A 136 -4.40 8.81 -16.14
CA ALA A 136 -4.84 9.69 -15.05
C ALA A 136 -6.26 10.16 -15.38
N PRO A 137 -7.26 9.29 -15.21
CA PRO A 137 -8.58 9.56 -15.80
C PRO A 137 -9.31 10.75 -15.22
N SER A 138 -9.00 11.12 -13.97
CA SER A 138 -9.55 12.33 -13.40
C SER A 138 -8.96 13.56 -14.07
N LYS A 139 -7.63 13.69 -13.99
CA LYS A 139 -6.89 14.78 -14.61
C LYS A 139 -6.83 14.68 -16.12
N ASN A 140 -7.45 13.65 -16.73
CA ASN A 140 -7.69 13.59 -18.18
C ASN A 140 -6.37 13.56 -18.97
N THR A 141 -5.42 12.73 -18.50
CA THR A 141 -4.09 12.66 -19.08
C THR A 141 -3.62 11.22 -19.13
N SER A 142 -2.69 10.96 -20.04
CA SER A 142 -1.99 9.69 -20.06
C SER A 142 -0.55 9.95 -20.47
N GLY A 143 0.28 8.91 -20.36
CA GLY A 143 1.67 9.06 -20.69
C GLY A 143 2.31 7.70 -20.84
N ILE A 144 3.29 7.61 -21.73
CA ILE A 144 4.01 6.38 -22.01
C ILE A 144 5.47 6.62 -21.64
N PHE A 145 5.95 5.86 -20.68
CA PHE A 145 7.26 6.12 -20.09
C PHE A 145 8.17 4.90 -20.19
N ARG A 146 9.46 5.14 -19.96
CA ARG A 146 10.47 4.10 -19.85
C ARG A 146 11.58 4.64 -18.97
N LEU A 147 12.39 3.74 -18.45
CA LEU A 147 13.55 4.18 -17.71
C LEU A 147 14.64 4.62 -18.67
N LEU A 148 15.54 5.48 -18.17
CA LEU A 148 16.76 5.81 -18.88
C LEU A 148 17.68 4.59 -18.91
N ASP A 149 18.18 4.24 -20.11
CA ASP A 149 19.00 3.06 -20.35
C ASP A 149 20.39 3.52 -20.73
N PRO A 150 21.40 3.44 -19.83
CA PRO A 150 21.46 2.67 -18.59
C PRO A 150 21.33 3.47 -17.27
N GLU A 151 21.44 4.79 -17.33
CA GLU A 151 21.56 5.57 -16.11
C GLU A 151 20.37 5.30 -15.18
N GLY A 152 19.17 5.15 -15.73
CA GLY A 152 17.98 4.97 -14.92
C GLY A 152 17.75 3.54 -14.47
N LEU A 153 18.07 2.56 -15.31
CA LEU A 153 18.07 1.17 -14.86
C LEU A 153 19.10 0.96 -13.76
N GLN A 154 20.32 1.49 -13.96
CA GLN A 154 21.36 1.41 -12.94
C GLN A 154 20.87 1.92 -11.58
N THR A 155 20.24 3.09 -11.57
CA THR A 155 19.74 3.66 -10.33
C THR A 155 18.75 2.75 -9.64
N ILE A 156 17.80 2.18 -10.38
CA ILE A 156 16.78 1.33 -9.78
C ILE A 156 17.29 -0.07 -9.46
N VAL A 157 18.33 -0.55 -10.14
CA VAL A 157 18.89 -1.86 -9.79
C VAL A 157 19.73 -1.76 -8.51
N LYS A 158 20.43 -0.63 -8.33
CA LYS A 158 21.15 -0.33 -7.10
C LYS A 158 20.23 0.05 -5.94
N CYS A 159 18.96 0.35 -6.22
CA CYS A 159 18.12 0.99 -5.20
C CYS A 159 17.41 -0.07 -4.37
N ARG A 160 18.14 -0.59 -3.38
CA ARG A 160 17.52 -1.40 -2.34
C ARG A 160 17.05 -0.55 -1.16
N LYS A 161 16.92 0.76 -1.36
CA LYS A 161 16.49 1.66 -0.31
C LYS A 161 15.00 1.43 0.01
N PRO A 162 14.58 1.63 1.32
CA PRO A 162 13.24 1.16 1.76
C PRO A 162 12.12 2.18 1.70
N GLY A 163 10.91 1.76 2.05
CA GLY A 163 9.76 2.66 2.04
C GLY A 163 9.25 2.93 0.63
N LEU A 164 7.94 2.85 0.41
CA LEU A 164 7.45 2.66 -0.94
C LEU A 164 7.30 3.95 -1.76
N PHE A 165 7.46 5.12 -1.15
CA PHE A 165 7.52 6.38 -1.90
C PHE A 165 8.92 6.98 -1.91
N HIS A 166 9.94 6.15 -1.75
CA HIS A 166 11.29 6.66 -1.57
C HIS A 166 11.75 7.42 -2.83
N PRO A 167 12.26 8.64 -2.69
CA PRO A 167 12.70 9.41 -3.87
C PRO A 167 13.94 8.80 -4.50
N HIS A 168 14.32 9.35 -5.67
CA HIS A 168 15.42 8.78 -6.45
C HIS A 168 16.33 9.87 -6.99
N GLU A 169 17.61 9.53 -7.11
CA GLU A 169 18.67 10.49 -7.42
C GLU A 169 18.69 10.87 -8.90
N GLY A 170 18.63 12.16 -9.19
CA GLY A 170 18.74 12.59 -10.57
C GLY A 170 17.58 12.11 -11.44
N LYS A 171 17.75 12.29 -12.74
CA LYS A 171 16.73 11.87 -13.70
C LYS A 171 16.72 10.36 -13.80
N VAL A 172 15.56 9.73 -13.56
CA VAL A 172 15.45 8.29 -13.58
C VAL A 172 14.67 7.78 -14.79
N TYR A 173 13.54 8.40 -15.11
CA TYR A 173 12.74 7.96 -16.25
C TYR A 173 12.46 9.10 -17.22
N THR A 174 11.93 8.72 -18.39
CA THR A 174 11.65 9.66 -19.46
C THR A 174 10.39 9.21 -20.19
N MET A 175 10.00 9.95 -21.19
CA MET A 175 8.75 9.66 -21.88
C MET A 175 9.11 9.23 -23.28
N VAL A 176 8.60 8.07 -23.73
CA VAL A 176 8.89 7.67 -25.10
C VAL A 176 8.40 8.77 -26.00
N ALA A 177 9.21 9.13 -26.99
CA ALA A 177 9.00 10.42 -27.65
C ALA A 177 8.05 10.30 -28.85
N GLN A 178 7.73 11.47 -29.42
CA GLN A 178 6.72 11.65 -30.47
C GLN A 178 7.32 12.29 -31.72
N PRO A 179 7.53 11.53 -32.83
CA PRO A 179 7.22 10.10 -33.01
C PRO A 179 8.13 9.26 -32.15
N GLY A 180 8.08 7.94 -32.18
CA GLY A 180 9.05 7.27 -31.34
C GLY A 180 9.33 5.83 -31.70
N HIS A 181 9.80 5.07 -30.72
CA HIS A 181 9.78 3.63 -30.85
C HIS A 181 8.39 3.07 -30.52
N VAL A 182 7.54 3.85 -29.86
CA VAL A 182 6.14 3.51 -29.72
C VAL A 182 5.38 4.24 -30.79
N ARG A 183 4.51 3.51 -31.51
CA ARG A 183 3.85 4.00 -32.70
C ARG A 183 2.40 3.51 -32.72
N GLU A 184 1.45 4.45 -32.66
CA GLU A 184 0.04 4.15 -32.53
C GLU A 184 -0.58 3.94 -33.89
N ILE A 185 -1.43 2.93 -33.98
CA ILE A 185 -1.98 2.50 -35.26
C ILE A 185 -3.41 2.05 -35.04
N ASN A 186 -4.11 1.79 -36.14
CA ASN A 186 -5.52 1.38 -36.06
C ASN A 186 -5.63 -0.15 -36.14
N SER A 187 -5.03 -0.87 -35.19
CA SER A 187 -5.05 -2.33 -35.24
C SER A 187 -6.18 -2.87 -34.36
N LYS A 188 -6.69 -4.05 -34.73
CA LYS A 188 -7.65 -4.79 -33.91
C LYS A 188 -7.09 -4.97 -32.50
N LEU A 189 -7.96 -5.19 -31.51
CA LEU A 189 -7.50 -5.34 -30.13
C LEU A 189 -8.34 -6.38 -29.39
N GLN A 190 -7.66 -7.22 -28.60
CA GLN A 190 -8.31 -8.22 -27.76
C GLN A 190 -7.99 -7.93 -26.29
N VAL A 191 -9.03 -7.81 -25.48
CA VAL A 191 -8.89 -7.74 -24.03
C VAL A 191 -9.09 -9.14 -23.50
N VAL A 192 -8.19 -9.60 -22.63
CA VAL A 192 -8.29 -10.91 -21.99
C VAL A 192 -8.37 -10.64 -20.49
N ASP A 193 -9.57 -10.77 -19.91
CA ASP A 193 -9.77 -10.59 -18.48
C ASP A 193 -9.62 -11.93 -17.77
N LEU A 194 -8.58 -12.07 -16.95
CA LEU A 194 -8.25 -13.30 -16.24
C LEU A 194 -8.79 -13.31 -14.80
N ARG A 195 -10.01 -12.81 -14.58
CA ARG A 195 -10.53 -12.72 -13.20
C ARG A 195 -12.00 -13.19 -13.10
N PHE B 10 -17.68 0.20 39.80
CA PHE B 10 -16.63 0.27 40.81
C PHE B 10 -15.31 -0.37 40.36
N LYS B 11 -15.07 -1.61 40.81
CA LYS B 11 -13.90 -2.40 40.45
C LYS B 11 -14.26 -3.33 39.30
N ILE B 12 -13.38 -3.38 38.27
CA ILE B 12 -13.61 -4.15 37.05
C ILE B 12 -12.61 -5.30 36.96
N HIS B 13 -13.09 -6.48 36.53
CA HIS B 13 -12.22 -7.63 36.25
C HIS B 13 -12.57 -8.10 34.85
N ALA B 14 -11.77 -7.77 33.85
CA ALA B 14 -12.05 -8.24 32.49
C ALA B 14 -11.23 -9.47 32.14
N TYR B 15 -11.80 -10.31 31.28
CA TYR B 15 -11.21 -11.60 30.92
C TYR B 15 -11.20 -11.76 29.40
N THR B 16 -10.29 -12.59 28.93
CA THR B 16 -10.22 -12.90 27.51
C THR B 16 -11.20 -14.01 27.15
N GLU B 17 -11.35 -14.25 25.85
CA GLU B 17 -12.20 -15.33 25.37
C GLU B 17 -11.76 -16.68 25.90
N GLY B 18 -10.46 -16.82 26.22
CA GLY B 18 -9.90 -18.03 26.76
C GLY B 18 -9.82 -18.07 28.27
N GLY B 19 -10.24 -17.00 28.96
CA GLY B 19 -10.26 -16.95 30.39
C GLY B 19 -9.12 -16.18 31.03
N LYS B 20 -8.07 -15.88 30.27
CA LYS B 20 -6.93 -15.14 30.79
C LYS B 20 -7.40 -13.77 31.30
N PRO B 21 -6.96 -13.35 32.48
CA PRO B 21 -7.38 -12.04 33.00
C PRO B 21 -6.58 -10.90 32.38
N LEU B 22 -7.24 -9.75 32.26
CA LEU B 22 -6.65 -8.58 31.62
C LEU B 22 -6.47 -7.46 32.65
N ARG B 23 -5.25 -6.93 32.73
CA ARG B 23 -4.98 -5.80 33.59
C ARG B 23 -5.51 -4.52 32.93
N THR B 24 -5.84 -3.54 33.75
CA THR B 24 -6.47 -2.32 33.23
C THR B 24 -5.48 -1.44 32.47
N ILE B 25 -5.97 -0.79 31.41
CA ILE B 25 -5.22 0.27 30.74
C ILE B 25 -5.94 1.59 30.96
N TYR B 26 -5.26 2.52 31.59
CA TYR B 26 -5.79 3.86 31.76
C TYR B 26 -5.42 4.69 30.53
N LEU B 27 -6.45 5.22 29.86
CA LEU B 27 -6.30 5.96 28.62
C LEU B 27 -6.67 7.42 28.84
N PRO B 28 -5.73 8.34 28.60
CA PRO B 28 -6.08 9.78 28.70
C PRO B 28 -7.19 10.15 27.72
N LYS B 29 -8.27 10.71 28.28
CA LYS B 29 -9.38 11.21 27.49
C LYS B 29 -8.93 12.14 26.37
N LEU B 30 -7.87 12.92 26.59
CA LEU B 30 -7.43 13.86 25.57
C LEU B 30 -6.77 13.17 24.37
N LEU B 31 -6.32 11.93 24.53
CA LEU B 31 -5.36 11.38 23.56
C LEU B 31 -5.94 11.32 22.17
N LYS B 32 -7.19 10.84 22.05
CA LYS B 32 -7.80 10.69 20.74
C LYS B 32 -7.83 12.02 20.00
N LYS B 33 -8.42 13.06 20.63
CA LYS B 33 -8.48 14.38 19.98
C LYS B 33 -7.09 14.94 19.72
N VAL B 34 -6.18 14.81 20.69
CA VAL B 34 -4.81 15.30 20.52
C VAL B 34 -4.14 14.65 19.32
N PHE B 35 -4.21 13.31 19.24
CA PHE B 35 -3.58 12.61 18.12
C PHE B 35 -4.14 13.08 16.78
N LEU B 36 -5.47 13.26 16.72
CA LEU B 36 -6.09 13.68 15.48
C LEU B 36 -5.62 15.07 15.07
N ASP B 37 -5.45 15.97 16.06
CA ASP B 37 -4.89 17.31 15.80
C ASP B 37 -3.47 17.22 15.27
N VAL B 38 -2.65 16.36 15.89
CA VAL B 38 -1.23 16.26 15.58
C VAL B 38 -1.00 15.87 14.13
N VAL B 39 -1.89 15.05 13.58
CA VAL B 39 -1.70 14.52 12.25
C VAL B 39 -2.74 15.06 11.28
N LYS B 40 -3.48 16.11 11.65
CA LYS B 40 -4.38 16.74 10.69
C LYS B 40 -3.68 17.04 9.37
N PRO B 41 -2.39 17.44 9.35
CA PRO B 41 -1.58 17.30 8.13
C PRO B 41 -1.82 16.07 7.27
N ASN B 42 -1.46 14.88 7.75
CA ASN B 42 -1.65 13.68 6.93
C ASN B 42 -3.12 13.38 6.71
N THR B 43 -3.97 13.70 7.68
CA THR B 43 -5.39 13.48 7.53
C THR B 43 -5.95 14.30 6.37
N LYS B 44 -5.93 15.63 6.47
CA LYS B 44 -6.49 16.50 5.43
C LYS B 44 -5.84 16.27 4.07
N LYS B 45 -4.62 15.72 4.02
CA LYS B 45 -4.00 15.29 2.78
C LYS B 45 -4.27 13.81 2.47
N ASN B 46 -5.33 13.24 3.05
CA ASN B 46 -5.78 11.86 2.82
C ASN B 46 -4.66 10.81 3.00
N LEU B 47 -3.99 10.87 4.16
CA LEU B 47 -2.95 9.93 4.51
C LEU B 47 -3.22 9.34 5.89
N GLU B 48 -2.82 8.08 6.04
CA GLU B 48 -2.90 7.41 7.33
C GLU B 48 -1.69 7.78 8.19
N THR B 49 -1.94 8.06 9.46
CA THR B 49 -0.87 8.32 10.40
C THR B 49 -1.05 7.41 11.61
N CYS B 50 0.04 6.77 12.04
CA CYS B 50 0.00 5.90 13.21
C CYS B 50 0.79 6.53 14.35
N GLY B 51 0.39 6.18 15.57
CA GLY B 51 1.05 6.64 16.77
C GLY B 51 1.06 5.52 17.80
N ILE B 52 2.11 5.51 18.62
CA ILE B 52 2.32 4.44 19.58
C ILE B 52 1.89 4.89 20.96
N LEU B 53 1.16 4.02 21.67
CA LEU B 53 0.72 4.29 23.04
C LEU B 53 1.74 3.71 24.02
N CYS B 54 2.35 4.56 24.82
CA CYS B 54 3.42 4.16 25.73
C CYS B 54 3.05 4.48 27.18
N GLY B 55 3.79 3.90 28.12
CA GLY B 55 3.48 4.18 29.52
C GLY B 55 4.05 3.13 30.45
N LYS B 56 3.50 3.11 31.66
CA LYS B 56 4.16 2.47 32.80
C LYS B 56 3.26 1.43 33.43
N LEU B 57 3.92 0.43 34.02
CA LEU B 57 3.29 -0.52 34.93
C LEU B 57 3.45 0.03 36.34
N ARG B 58 2.37 0.58 36.89
CA ARG B 58 2.35 1.11 38.25
C ARG B 58 1.25 0.39 39.01
N GLN B 59 1.63 -0.34 40.06
CA GLN B 59 0.68 -1.00 40.95
C GLN B 59 -0.36 -1.82 40.17
N ASN B 60 0.14 -2.71 39.31
CA ASN B 60 -0.55 -3.73 38.51
C ASN B 60 -1.53 -3.16 37.45
N ALA B 61 -1.56 -1.86 37.21
CA ALA B 61 -2.23 -1.39 36.01
C ALA B 61 -1.22 -0.70 35.11
N PHE B 62 -1.59 -0.58 33.83
CA PHE B 62 -0.84 0.20 32.85
C PHE B 62 -1.46 1.57 32.71
N PHE B 63 -0.63 2.61 32.72
CA PHE B 63 -1.10 3.95 32.41
C PHE B 63 -0.43 4.43 31.12
N ILE B 64 -1.24 4.80 30.13
CA ILE B 64 -0.68 5.39 28.93
C ILE B 64 -0.24 6.82 29.26
N THR B 65 1.07 7.07 29.19
CA THR B 65 1.62 8.39 29.47
C THR B 65 2.12 9.13 28.26
N HIS B 66 2.49 8.43 27.18
CA HIS B 66 3.09 9.09 26.02
C HIS B 66 2.46 8.55 24.75
N LEU B 67 1.92 9.45 23.93
CA LEU B 67 1.58 9.15 22.54
C LEU B 67 2.83 9.42 21.72
N VAL B 68 3.48 8.38 21.24
CA VAL B 68 4.71 8.55 20.48
C VAL B 68 4.40 8.41 18.99
N ILE B 69 4.70 9.45 18.22
CA ILE B 69 4.48 9.47 16.78
C ILE B 69 5.78 9.05 16.09
N PRO B 70 5.87 7.85 15.53
CA PRO B 70 7.14 7.37 14.99
C PRO B 70 7.40 7.91 13.58
N LEU B 71 8.64 7.72 13.14
CA LEU B 71 8.97 7.98 11.73
C LEU B 71 8.25 6.94 10.88
N GLN B 72 7.30 7.40 10.08
CA GLN B 72 6.45 6.45 9.38
C GLN B 72 6.37 6.77 7.89
N GLU B 73 5.27 6.38 7.25
CA GLU B 73 5.09 6.61 5.82
C GLU B 73 3.60 6.52 5.49
N ALA B 74 3.02 7.63 5.00
CA ALA B 74 1.58 7.69 4.82
C ALA B 74 1.12 7.15 3.47
N THR B 75 -0.04 6.47 3.49
CA THR B 75 -0.76 5.99 2.31
C THR B 75 -2.23 6.32 2.51
N SER B 76 -3.06 5.99 1.52
CA SER B 76 -4.49 6.02 1.76
C SER B 76 -4.95 4.86 2.61
N ASP B 77 -4.21 3.73 2.60
CA ASP B 77 -4.73 2.49 3.13
C ASP B 77 -3.86 1.77 4.16
N ALA B 78 -2.71 2.34 4.55
CA ALA B 78 -1.87 1.74 5.59
C ALA B 78 -0.82 2.74 6.05
N CYS B 79 -0.07 2.36 7.08
CA CYS B 79 1.01 3.19 7.59
C CYS B 79 1.82 2.35 8.55
N GLY B 80 3.13 2.62 8.60
CA GLY B 80 4.02 1.74 9.33
C GLY B 80 5.28 2.47 9.73
N THR B 81 5.86 2.00 10.84
CA THR B 81 7.07 2.61 11.35
C THR B 81 8.26 2.27 10.47
N THR B 82 9.11 3.27 10.22
CA THR B 82 10.29 3.09 9.40
C THR B 82 11.61 3.32 10.15
N ASP B 83 11.57 3.77 11.40
CA ASP B 83 12.75 3.80 12.27
C ASP B 83 12.37 3.20 13.63
N GLU B 84 12.12 1.89 13.62
CA GLU B 84 11.86 1.17 14.85
C GLU B 84 13.02 1.32 15.84
N ALA B 85 14.22 1.57 15.33
CA ALA B 85 15.40 1.73 16.18
C ALA B 85 15.35 3.04 16.97
N SER B 86 14.93 4.13 16.33
CA SER B 86 14.80 5.40 17.05
C SER B 86 13.74 5.27 18.14
N LEU B 87 12.65 4.55 17.83
CA LEU B 87 11.59 4.34 18.80
C LEU B 87 12.10 3.57 20.01
N PHE B 88 12.81 2.46 19.78
CA PHE B 88 13.33 1.67 20.88
C PHE B 88 14.25 2.49 21.78
N GLU B 89 15.21 3.24 21.19
CA GLU B 89 15.95 4.28 21.90
C GLU B 89 15.10 5.00 22.90
N PHE B 90 14.12 5.73 22.35
CA PHE B 90 13.28 6.55 23.18
C PHE B 90 12.64 5.73 24.29
N GLN B 91 11.93 4.65 23.93
CA GLN B 91 11.27 3.87 24.96
C GLN B 91 12.27 3.34 25.98
N ASP B 92 13.45 2.90 25.53
CA ASP B 92 14.43 2.41 26.50
C ASP B 92 14.87 3.53 27.42
N LYS B 93 15.08 4.73 26.87
CA LYS B 93 15.58 5.83 27.67
C LYS B 93 14.67 6.14 28.84
N HIS B 94 13.35 6.21 28.59
CA HIS B 94 12.39 6.67 29.58
C HIS B 94 11.58 5.54 30.18
N ASN B 95 12.07 4.30 30.09
CA ASN B 95 11.46 3.09 30.64
C ASN B 95 9.97 3.04 30.35
N LEU B 96 9.65 3.13 29.05
CA LEU B 96 8.27 3.21 28.56
C LEU B 96 7.92 1.92 27.84
N LEU B 97 6.94 1.19 28.38
CA LEU B 97 6.36 -0.01 27.77
C LEU B 97 5.42 0.35 26.62
N THR B 98 5.35 -0.55 25.61
CA THR B 98 4.33 -0.43 24.56
C THR B 98 2.99 -0.98 25.04
N LEU B 99 1.97 -0.13 25.07
CA LEU B 99 0.63 -0.58 25.44
C LEU B 99 -0.33 -0.72 24.24
N GLY B 100 0.08 -0.35 23.04
CA GLY B 100 -0.80 -0.38 21.91
C GLY B 100 -0.45 0.73 20.93
N TRP B 101 -1.41 1.06 20.06
CA TRP B 101 -1.16 2.03 19.00
C TRP B 101 -2.50 2.58 18.51
N ILE B 102 -2.44 3.65 17.72
CA ILE B 102 -3.61 4.37 17.24
C ILE B 102 -3.28 4.86 15.85
N HIS B 103 -4.24 4.83 14.93
CA HIS B 103 -3.99 5.37 13.60
C HIS B 103 -5.28 5.86 12.98
N THR B 104 -5.14 6.78 12.04
CA THR B 104 -6.31 7.36 11.38
C THR B 104 -6.69 6.57 10.14
N HIS B 105 -8.02 6.43 9.91
CA HIS B 105 -8.67 6.09 8.65
C HIS B 105 -9.24 7.40 8.13
N PRO B 106 -8.55 8.12 7.25
CA PRO B 106 -9.01 9.48 6.87
C PRO B 106 -10.41 9.51 6.27
N THR B 107 -10.73 8.58 5.37
CA THR B 107 -12.03 8.51 4.72
C THR B 107 -12.86 7.32 5.16
N GLN B 108 -12.30 6.10 5.06
CA GLN B 108 -13.04 4.88 5.31
C GLN B 108 -13.58 4.86 6.74
N THR B 109 -14.36 3.83 7.02
CA THR B 109 -15.10 3.77 8.27
C THR B 109 -14.24 3.20 9.39
N CYS B 110 -14.82 3.17 10.58
CA CYS B 110 -14.17 2.59 11.75
C CYS B 110 -14.23 1.06 11.67
N PHE B 111 -13.07 0.42 11.53
CA PHE B 111 -12.98 -1.04 11.46
C PHE B 111 -11.52 -1.45 11.45
N MET B 112 -11.27 -2.72 11.75
CA MET B 112 -9.92 -3.29 11.76
C MET B 112 -9.68 -3.93 10.41
N SER B 113 -8.89 -3.26 9.57
CA SER B 113 -8.64 -3.75 8.23
C SER B 113 -7.89 -5.07 8.28
N SER B 114 -7.63 -5.67 7.11
CA SER B 114 -6.79 -6.85 7.06
C SER B 114 -5.41 -6.56 7.63
N VAL B 115 -4.60 -5.72 6.96
CA VAL B 115 -3.27 -5.40 7.47
C VAL B 115 -3.30 -4.98 8.94
N ASP B 116 -4.38 -4.34 9.38
CA ASP B 116 -4.49 -3.95 10.78
C ASP B 116 -4.51 -5.15 11.71
N LEU B 117 -5.07 -6.28 11.27
CA LEU B 117 -5.16 -7.44 12.16
C LEU B 117 -3.80 -8.13 12.32
N HIS B 118 -3.02 -8.21 11.26
CA HIS B 118 -1.66 -8.76 11.35
C HIS B 118 -0.76 -7.85 12.16
N THR B 119 -0.91 -6.53 11.98
CA THR B 119 -0.11 -5.59 12.74
C THR B 119 -0.39 -5.72 14.23
N HIS B 120 -1.68 -5.61 14.61
CA HIS B 120 -2.02 -5.77 16.02
C HIS B 120 -1.60 -7.12 16.56
N CYS B 121 -1.66 -8.16 15.73
CA CYS B 121 -1.32 -9.48 16.22
C CYS B 121 0.02 -9.47 16.95
N SER B 122 1.01 -8.77 16.41
CA SER B 122 2.32 -8.79 17.07
C SER B 122 2.37 -7.84 18.25
N TYR B 123 1.39 -6.95 18.43
CA TYR B 123 1.27 -6.22 19.68
C TYR B 123 0.68 -7.12 20.77
N GLN B 124 -0.55 -7.60 20.55
CA GLN B 124 -1.24 -8.45 21.50
C GLN B 124 -0.47 -9.72 21.82
N LEU B 125 0.46 -10.14 20.96
CA LEU B 125 1.25 -11.31 21.29
C LEU B 125 2.31 -10.97 22.33
N MET B 126 2.97 -9.81 22.20
CA MET B 126 3.91 -9.37 23.22
C MET B 126 3.20 -9.06 24.53
N LEU B 127 1.94 -8.71 24.48
CA LEU B 127 1.22 -8.11 25.60
C LEU B 127 -0.25 -8.39 25.40
N PRO B 128 -0.85 -9.26 26.22
CA PRO B 128 -2.24 -9.64 25.97
C PRO B 128 -3.19 -8.47 26.06
N GLU B 129 -2.85 -7.46 26.87
CA GLU B 129 -3.74 -6.34 27.07
C GLU B 129 -3.74 -5.35 25.93
N ALA B 130 -2.86 -5.52 24.93
CA ALA B 130 -2.61 -4.46 23.94
C ALA B 130 -3.87 -4.08 23.14
N ILE B 131 -4.00 -2.79 22.83
CA ILE B 131 -5.18 -2.26 22.15
C ILE B 131 -4.79 -1.54 20.86
N ALA B 132 -5.76 -1.48 19.97
CA ALA B 132 -5.63 -0.82 18.67
C ALA B 132 -6.75 0.21 18.60
N ILE B 133 -6.39 1.48 18.64
CA ILE B 133 -7.36 2.57 18.55
C ILE B 133 -7.43 3.04 17.10
N VAL B 134 -8.65 3.22 16.58
CA VAL B 134 -8.87 3.56 15.17
C VAL B 134 -9.75 4.82 15.07
N MET B 135 -9.18 5.91 14.51
CA MET B 135 -9.90 7.14 14.21
C MET B 135 -10.40 7.12 12.77
N ALA B 136 -11.68 7.47 12.56
CA ALA B 136 -12.27 7.65 11.23
C ALA B 136 -12.81 9.07 11.13
N PRO B 137 -11.93 10.06 11.01
CA PRO B 137 -12.32 11.46 11.28
C PRO B 137 -13.40 12.02 10.37
N SER B 138 -13.44 11.58 9.11
CA SER B 138 -14.52 11.97 8.21
C SER B 138 -15.85 11.38 8.65
N LYS B 139 -15.92 10.04 8.64
CA LYS B 139 -17.07 9.31 9.16
C LYS B 139 -17.36 9.63 10.63
N ASN B 140 -16.44 10.33 11.32
CA ASN B 140 -16.69 10.92 12.64
C ASN B 140 -16.80 9.87 13.74
N THR B 141 -15.92 8.86 13.71
CA THR B 141 -16.02 7.71 14.61
C THR B 141 -14.62 7.23 15.02
N SER B 142 -14.58 6.57 16.17
CA SER B 142 -13.38 5.94 16.66
C SER B 142 -13.74 4.60 17.28
N GLY B 143 -12.74 3.75 17.43
CA GLY B 143 -12.98 2.44 18.01
C GLY B 143 -11.71 1.90 18.63
N ILE B 144 -11.87 1.20 19.74
CA ILE B 144 -10.78 0.53 20.45
C ILE B 144 -10.98 -0.98 20.34
N PHE B 145 -10.01 -1.67 19.75
CA PHE B 145 -10.18 -3.05 19.36
C PHE B 145 -9.04 -3.91 19.90
N ARG B 146 -9.22 -5.22 19.75
CA ARG B 146 -8.19 -6.23 20.02
C ARG B 146 -8.65 -7.49 19.32
N LEU B 147 -7.74 -8.43 19.17
CA LEU B 147 -8.11 -9.72 18.62
C LEU B 147 -8.69 -10.61 19.70
N LEU B 148 -9.52 -11.56 19.28
CA LEU B 148 -9.98 -12.63 20.16
C LEU B 148 -8.79 -13.49 20.60
N ASP B 149 -8.73 -13.77 21.90
CA ASP B 149 -7.63 -14.50 22.55
C ASP B 149 -8.21 -15.82 23.06
N PRO B 150 -7.99 -16.96 22.37
CA PRO B 150 -7.01 -17.18 21.32
C PRO B 150 -7.49 -17.38 19.87
N GLU B 151 -8.79 -17.49 19.59
CA GLU B 151 -9.22 -17.80 18.21
C GLU B 151 -8.61 -16.85 17.19
N GLY B 152 -8.57 -15.54 17.50
CA GLY B 152 -8.16 -14.56 16.51
C GLY B 152 -6.67 -14.37 16.40
N LEU B 153 -5.94 -14.54 17.49
CA LEU B 153 -4.48 -14.63 17.39
C LEU B 153 -4.09 -15.82 16.52
N GLN B 154 -4.73 -16.96 16.77
CA GLN B 154 -4.56 -18.18 16.00
C GLN B 154 -4.69 -17.94 14.50
N THR B 155 -5.87 -17.50 14.09
CA THR B 155 -6.17 -17.19 12.70
C THR B 155 -5.06 -16.36 12.08
N ILE B 156 -4.66 -15.29 12.77
CA ILE B 156 -3.66 -14.38 12.23
C ILE B 156 -2.24 -14.96 12.31
N VAL B 157 -1.96 -15.78 13.32
CA VAL B 157 -0.65 -16.43 13.39
C VAL B 157 -0.51 -17.47 12.28
N LYS B 158 -1.55 -18.28 12.08
CA LYS B 158 -1.57 -19.21 10.95
C LYS B 158 -1.60 -18.47 9.62
N CYS B 159 -2.15 -17.26 9.59
CA CYS B 159 -2.49 -16.65 8.30
C CYS B 159 -1.26 -16.19 7.54
N ARG B 160 -0.73 -17.08 6.71
CA ARG B 160 0.40 -16.75 5.86
C ARG B 160 -0.02 -16.65 4.39
N LYS B 161 -1.33 -16.31 4.11
CA LYS B 161 -1.82 -16.15 2.75
C LYS B 161 -1.63 -14.71 2.27
N PRO B 162 -1.61 -14.47 0.93
CA PRO B 162 -1.10 -13.20 0.37
C PRO B 162 -2.16 -12.18 0.02
N GLY B 163 -1.71 -11.05 -0.52
CA GLY B 163 -2.61 -9.97 -0.87
C GLY B 163 -2.87 -9.06 0.30
N LEU B 164 -2.80 -7.73 0.07
CA LEU B 164 -2.85 -6.78 1.17
C LEU B 164 -4.17 -6.86 1.92
N PHE B 165 -5.27 -7.15 1.23
CA PHE B 165 -6.60 -7.03 1.83
C PHE B 165 -7.33 -8.37 1.90
N HIS B 166 -6.58 -9.44 2.14
CA HIS B 166 -7.18 -10.77 2.18
C HIS B 166 -8.16 -10.89 3.34
N PRO B 167 -9.35 -11.46 3.11
CA PRO B 167 -10.31 -11.65 4.23
C PRO B 167 -9.83 -12.70 5.24
N HIS B 168 -10.63 -12.98 6.28
CA HIS B 168 -10.29 -13.99 7.29
C HIS B 168 -11.54 -14.73 7.73
N GLU B 169 -11.38 -16.01 8.08
CA GLU B 169 -12.52 -16.90 8.34
C GLU B 169 -12.93 -16.83 9.81
N GLY B 170 -14.23 -16.82 10.06
CA GLY B 170 -14.75 -16.70 11.41
C GLY B 170 -14.51 -15.29 11.95
N LYS B 171 -15.03 -15.06 13.17
CA LYS B 171 -14.76 -13.81 13.86
C LYS B 171 -13.28 -13.75 14.25
N VAL B 172 -12.65 -12.62 13.97
CA VAL B 172 -11.22 -12.43 14.26
C VAL B 172 -11.01 -11.39 15.36
N TYR B 173 -11.58 -10.20 15.22
CA TYR B 173 -11.36 -9.14 16.19
C TYR B 173 -12.69 -8.71 16.85
N THR B 174 -12.56 -7.75 17.77
CA THR B 174 -13.64 -7.38 18.69
C THR B 174 -13.27 -6.04 19.33
N MET B 175 -14.28 -5.40 19.91
CA MET B 175 -14.12 -4.07 20.47
C MET B 175 -13.97 -4.18 21.98
N VAL B 176 -13.00 -3.44 22.55
CA VAL B 176 -12.84 -3.46 24.00
C VAL B 176 -14.16 -3.06 24.65
N ALA B 177 -14.50 -3.72 25.75
CA ALA B 177 -15.85 -3.59 26.30
C ALA B 177 -16.00 -2.32 27.14
N GLN B 178 -17.25 -1.92 27.32
CA GLN B 178 -17.61 -0.69 28.04
C GLN B 178 -18.56 -1.02 29.19
N PRO B 179 -18.04 -1.11 30.44
CA PRO B 179 -16.60 -0.97 30.69
C PRO B 179 -15.84 -2.27 30.46
N GLY B 180 -14.55 -2.10 30.17
CA GLY B 180 -13.70 -3.25 29.94
C GLY B 180 -12.37 -3.06 30.62
N HIS B 181 -11.31 -3.56 29.98
CA HIS B 181 -9.98 -3.39 30.53
C HIS B 181 -9.36 -2.06 30.14
N VAL B 182 -9.98 -1.32 29.22
CA VAL B 182 -9.60 0.07 28.93
C VAL B 182 -10.54 0.98 29.69
N ARG B 183 -9.97 1.94 30.44
CA ARG B 183 -10.76 2.94 31.16
C ARG B 183 -10.16 4.32 30.90
N GLU B 184 -10.99 5.25 30.42
CA GLU B 184 -10.55 6.59 30.04
C GLU B 184 -10.61 7.49 31.26
N ILE B 185 -9.56 8.29 31.47
CA ILE B 185 -9.40 9.07 32.69
C ILE B 185 -8.87 10.45 32.32
N ASN B 186 -8.88 11.35 33.31
CA ASN B 186 -8.37 12.71 33.11
C ASN B 186 -6.90 12.79 33.52
N SER B 187 -6.04 12.17 32.70
CA SER B 187 -4.61 12.17 32.98
C SER B 187 -3.91 13.12 32.02
N LYS B 188 -2.86 13.77 32.53
CA LYS B 188 -1.98 14.57 31.69
C LYS B 188 -1.46 13.73 30.54
N LEU B 189 -1.11 14.38 29.42
CA LEU B 189 -0.73 13.63 28.23
C LEU B 189 0.45 14.27 27.53
N GLN B 190 1.33 13.43 27.02
CA GLN B 190 2.51 13.88 26.33
C GLN B 190 2.60 13.28 24.93
N VAL B 191 2.70 14.14 23.94
CA VAL B 191 2.98 13.70 22.58
C VAL B 191 4.46 13.90 22.32
N VAL B 192 5.11 12.84 21.83
CA VAL B 192 6.50 12.85 21.40
C VAL B 192 6.49 12.64 19.88
N ASP B 193 6.88 13.66 19.12
CA ASP B 193 7.00 13.50 17.67
C ASP B 193 8.47 13.26 17.31
N LEU B 194 8.77 12.05 16.85
CA LEU B 194 10.09 11.65 16.39
C LEU B 194 10.29 11.82 14.88
N ARG B 195 9.62 12.79 14.24
CA ARG B 195 9.89 13.03 12.82
C ARG B 195 10.45 14.43 12.56
ZN ZN C . 13.85 2.90 -5.30
ZN ZN D . 1.48 4.36 -10.84
P PO4 E . 11.08 14.05 -20.72
O1 PO4 E . 10.54 15.45 -20.95
O2 PO4 E . 11.09 13.36 -22.08
O3 PO4 E . 12.50 14.06 -20.18
O4 PO4 E . 10.18 13.34 -19.72
ZN ZN F . -4.21 -12.51 7.06
ZN ZN G . -6.40 0.69 9.54
P PO4 H . -18.19 -6.77 18.95
O1 PO4 H . -18.01 -6.01 17.64
O2 PO4 H . -18.31 -8.26 18.69
O3 PO4 H . -16.94 -6.57 19.78
O4 PO4 H . -19.37 -6.23 19.71
#